data_2O7V
#
_entry.id   2O7V
#
_cell.length_a   156.078
_cell.length_b   53.908
_cell.length_c   42.366
_cell.angle_alpha   90.00
_cell.angle_beta   102.21
_cell.angle_gamma   90.00
#
_symmetry.space_group_name_H-M   'C 1 2 1'
#
loop_
_entity.id
_entity.type
_entity.pdbx_description
1 polymer 'CXE carboxylesterase'
2 non-polymer 'DIETHYL PHOSPHONATE'
3 water water
#
_entity_poly.entity_id   1
_entity_poly.type   'polypeptide(L)'
_entity_poly.pdbx_seq_one_letter_code
;MSNDHLETTGSSDPNTNLLKYLPIVLNPDRTITRPIQIPSTAASPDPTSSSPVLTKDLALNPLHNTFVRLFLPRHALYNS
AKLPLVVYFHGGGFILFSAASTIFHDFCCEMAVHAGVVIASVDYRLAPEHRLPAAYDDAMEALQWIKDSRDEWLTNFADF
SNCFIMGESAGGNIAYHAGLRAAAVADELLPLKIKGLVLDEPGFGGSKRTGSELRLANDSRLPTFVLDLIWELSLPMGAD
RDHEYCNPTAESEPLYSFDKIRSLGWRVMVVGCHGDPMIDRQMELAERLEKKGVDVVAQFDVGGYHAVKLEDPEKAKQFF
VILKKFVVDSCTTKLKLN
;
_entity_poly.pdbx_strand_id   A
#
# COMPACT_ATOMS: atom_id res chain seq x y z
N LEU A 18 -1.70 -26.04 -1.64
CA LEU A 18 -2.12 -24.62 -1.31
C LEU A 18 -1.48 -23.97 -0.06
N LEU A 19 -1.30 -24.74 1.03
CA LEU A 19 -0.58 -24.21 2.19
C LEU A 19 0.88 -23.94 1.76
N LYS A 20 1.17 -24.49 0.58
CA LYS A 20 2.40 -24.32 -0.18
C LYS A 20 2.54 -22.84 -0.66
N TYR A 21 1.43 -22.12 -0.85
CA TYR A 21 1.41 -20.68 -1.32
C TYR A 21 0.67 -19.57 -0.47
N LEU A 22 -0.39 -19.94 0.28
CA LEU A 22 -1.07 -19.01 1.24
C LEU A 22 -1.32 -19.75 2.55
N PRO A 23 -1.11 -19.06 3.70
CA PRO A 23 -1.24 -19.71 4.99
C PRO A 23 -2.72 -19.79 5.48
N ILE A 24 -3.64 -20.23 4.61
CA ILE A 24 -5.09 -20.25 4.84
C ILE A 24 -5.74 -21.61 4.50
N VAL A 25 -6.86 -21.93 5.17
CA VAL A 25 -7.76 -23.08 4.80
C VAL A 25 -9.11 -22.65 4.17
N LEU A 26 -9.47 -23.24 3.04
CA LEU A 26 -10.84 -23.05 2.46
C LEU A 26 -11.89 -23.98 3.13
N ASN A 27 -13.01 -23.41 3.57
CA ASN A 27 -14.05 -24.17 4.27
C ASN A 27 -15.31 -24.24 3.39
N PRO A 28 -16.14 -25.27 3.59
CA PRO A 28 -17.27 -25.52 2.67
C PRO A 28 -18.49 -24.62 2.89
N ASP A 29 -18.28 -23.43 3.44
CA ASP A 29 -19.32 -22.43 3.59
C ASP A 29 -18.82 -21.08 3.06
N ARG A 30 -17.90 -21.08 2.07
CA ARG A 30 -17.37 -19.84 1.46
C ARG A 30 -16.47 -18.92 2.36
N THR A 31 -16.22 -19.31 3.61
CA THR A 31 -15.32 -18.59 4.52
C THR A 31 -13.91 -19.19 4.51
N ILE A 32 -12.92 -18.46 5.05
CA ILE A 32 -11.58 -19.02 5.30
C ILE A 32 -11.18 -19.06 6.80
N THR A 33 -10.20 -19.90 7.09
CA THR A 33 -9.59 -20.05 8.39
C THR A 33 -8.09 -19.68 8.19
N ARG A 34 -7.50 -19.00 9.17
CA ARG A 34 -6.13 -18.58 9.15
C ARG A 34 -5.39 -19.35 10.27
N PRO A 35 -4.93 -20.58 9.97
CA PRO A 35 -4.37 -21.47 11.02
C PRO A 35 -2.89 -21.22 11.39
N ILE A 36 -2.22 -20.37 10.64
CA ILE A 36 -0.77 -20.14 10.76
C ILE A 36 -0.58 -18.69 11.23
N GLN A 37 -0.07 -18.48 12.44
CA GLN A 37 0.22 -17.12 12.95
C GLN A 37 1.14 -16.31 12.01
N ILE A 38 0.70 -15.12 11.60
CA ILE A 38 1.62 -14.24 10.89
C ILE A 38 2.31 -13.41 11.96
N PRO A 39 3.64 -13.55 12.11
CA PRO A 39 4.33 -12.84 13.17
C PRO A 39 4.21 -11.30 13.09
N SER A 40 4.05 -10.72 14.29
CA SER A 40 3.86 -9.30 14.46
C SER A 40 4.82 -8.72 15.47
N THR A 41 4.96 -7.41 15.45
CA THR A 41 5.90 -6.74 16.33
C THR A 41 5.17 -5.71 17.16
N ALA A 42 5.41 -5.71 18.47
CA ALA A 42 4.79 -4.74 19.37
C ALA A 42 5.29 -3.37 19.04
N ALA A 43 4.43 -2.37 19.16
CA ALA A 43 4.83 -0.97 19.10
C ALA A 43 5.87 -0.71 20.21
N SER A 44 6.74 0.26 19.96
CA SER A 44 7.85 0.56 20.83
C SER A 44 7.95 2.07 20.92
N PRO A 45 7.09 2.70 21.76
CA PRO A 45 6.92 4.14 21.62
C PRO A 45 7.92 5.01 22.39
N ASP A 46 8.82 4.40 23.16
CA ASP A 46 9.62 5.09 24.18
C ASP A 46 11.09 5.24 23.73
N PRO A 47 11.65 6.48 23.82
CA PRO A 47 12.99 6.68 23.23
C PRO A 47 14.20 6.08 24.01
N THR A 48 13.97 5.52 25.19
CA THR A 48 15.01 4.78 25.93
C THR A 48 15.10 3.30 25.44
N SER A 49 14.15 2.91 24.57
CA SER A 49 14.20 1.65 23.80
C SER A 49 15.43 1.67 22.91
N SER A 50 15.92 0.50 22.47
CA SER A 50 17.12 0.49 21.59
C SER A 50 16.88 1.14 20.19
N SER A 51 15.61 1.13 19.76
CA SER A 51 15.23 1.14 18.35
C SER A 51 15.55 2.45 17.63
N PRO A 52 16.05 2.36 16.37
CA PRO A 52 16.24 3.55 15.51
C PRO A 52 14.92 4.18 15.05
N VAL A 53 13.80 3.46 15.29
CA VAL A 53 12.44 3.95 14.92
C VAL A 53 11.42 3.74 16.05
N LEU A 54 10.76 4.82 16.44
CA LEU A 54 9.70 4.82 17.48
C LEU A 54 8.34 4.46 16.86
N THR A 55 7.58 3.56 17.48
CA THR A 55 6.26 3.18 16.93
C THR A 55 5.19 3.25 18.01
N LYS A 56 3.96 3.59 17.57
CA LYS A 56 2.80 3.51 18.44
C LYS A 56 1.51 3.28 17.63
N ASP A 57 0.57 2.56 18.22
CA ASP A 57 -0.73 2.28 17.54
C ASP A 57 -1.84 3.19 18.06
N LEU A 58 -2.64 3.74 17.17
CA LEU A 58 -3.77 4.57 17.57
C LEU A 58 -5.07 3.99 16.99
N ALA A 59 -6.03 3.71 17.86
CA ALA A 59 -7.39 3.31 17.47
C ALA A 59 -7.95 4.24 16.41
N LEU A 60 -8.47 3.68 15.31
CA LEU A 60 -9.04 4.46 14.23
C LEU A 60 -10.58 4.32 14.26
N ASN A 61 -11.14 3.14 14.02
CA ASN A 61 -12.59 2.93 14.14
C ASN A 61 -12.90 1.58 14.76
N PRO A 62 -13.26 1.57 16.06
CA PRO A 62 -13.55 0.34 16.83
C PRO A 62 -14.64 -0.54 16.27
N LEU A 63 -15.55 0.02 15.45
CA LEU A 63 -16.56 -0.82 14.79
C LEU A 63 -15.98 -1.69 13.70
N HIS A 64 -14.86 -1.22 13.15
CA HIS A 64 -14.18 -1.88 12.05
C HIS A 64 -12.98 -2.53 12.62
N ASN A 65 -12.74 -2.32 13.90
CA ASN A 65 -11.48 -2.68 14.56
C ASN A 65 -10.22 -2.23 13.77
N THR A 66 -10.32 -1.08 13.10
CA THR A 66 -9.17 -0.56 12.38
C THR A 66 -8.30 0.32 13.28
N PHE A 67 -7.00 0.39 12.98
CA PHE A 67 -6.02 1.23 13.73
C PHE A 67 -4.98 1.69 12.74
N VAL A 68 -4.17 2.66 13.14
CA VAL A 68 -3.07 3.24 12.38
C VAL A 68 -1.80 3.02 13.22
N ARG A 69 -0.72 2.52 12.60
CA ARG A 69 0.58 2.53 13.24
C ARG A 69 1.45 3.68 12.72
N LEU A 70 1.89 4.55 13.63
CA LEU A 70 2.88 5.60 13.32
C LEU A 70 4.34 5.10 13.52
N PHE A 71 5.18 5.36 12.51
CA PHE A 71 6.62 5.17 12.56
C PHE A 71 7.31 6.56 12.56
N LEU A 72 8.03 6.86 13.62
CA LEU A 72 8.78 8.12 13.75
C LEU A 72 10.28 7.81 13.81
N PRO A 73 11.03 8.17 12.73
CA PRO A 73 12.46 7.88 12.70
C PRO A 73 13.21 8.63 13.84
N ARG A 74 14.16 7.94 14.46
CA ARG A 74 14.94 8.52 15.56
C ARG A 74 15.60 9.87 15.24
N HIS A 75 15.99 10.11 13.98
CA HIS A 75 16.61 11.38 13.59
C HIS A 75 15.70 12.62 13.58
N ALA A 76 14.39 12.42 13.66
CA ALA A 76 13.47 13.54 13.73
C ALA A 76 13.57 14.26 15.09
N LEU A 77 14.08 13.54 16.09
CA LEU A 77 14.16 14.03 17.45
C LEU A 77 15.37 14.90 17.76
N TYR A 78 16.33 14.88 16.84
CA TYR A 78 17.61 15.55 17.02
C TYR A 78 17.68 16.66 15.98
N ASN A 79 16.50 17.11 15.56
CA ASN A 79 16.34 18.38 14.87
C ASN A 79 14.92 18.91 15.14
N SER A 80 14.50 19.94 14.41
CA SER A 80 13.20 20.56 14.65
C SER A 80 12.52 20.78 13.33
N ALA A 81 12.97 20.15 12.25
CA ALA A 81 12.23 20.23 10.96
C ALA A 81 11.22 19.08 10.82
N LYS A 82 10.21 19.29 9.97
CA LYS A 82 9.15 18.30 9.80
C LYS A 82 9.32 17.42 8.54
N LEU A 83 9.02 16.14 8.70
CA LEU A 83 9.22 15.13 7.62
C LEU A 83 7.98 14.93 6.74
N PRO A 84 8.16 14.65 5.42
CA PRO A 84 7.00 14.24 4.63
C PRO A 84 6.27 13.08 5.32
N LEU A 85 4.96 13.11 5.26
CA LEU A 85 4.09 12.09 5.88
C LEU A 85 3.68 11.10 4.80
N VAL A 86 3.97 9.82 5.04
CA VAL A 86 3.51 8.75 4.16
C VAL A 86 2.39 7.93 4.83
N VAL A 87 1.25 7.85 4.14
CA VAL A 87 0.12 7.00 4.49
C VAL A 87 0.33 5.69 3.72
N TYR A 88 0.60 4.62 4.49
CA TYR A 88 1.01 3.34 3.91
C TYR A 88 -0.06 2.24 4.09
N PHE A 89 -0.32 1.47 3.04
CA PHE A 89 -1.18 0.26 3.12
C PHE A 89 -0.38 -1.05 2.77
N HIS A 90 -0.38 -2.00 3.69
CA HIS A 90 0.33 -3.27 3.51
C HIS A 90 -0.27 -4.12 2.39
N GLY A 91 0.48 -5.15 1.97
CA GLY A 91 0.03 -6.13 0.95
C GLY A 91 -0.47 -7.37 1.63
N GLY A 92 -0.82 -8.40 0.87
CA GLY A 92 -1.37 -9.62 1.46
C GLY A 92 -2.64 -10.13 0.79
N GLY A 93 -2.87 -9.80 -0.47
CA GLY A 93 -4.08 -10.24 -1.17
C GLY A 93 -5.44 -9.80 -0.65
N PHE A 94 -5.47 -8.79 0.23
CA PHE A 94 -6.69 -8.17 0.77
C PHE A 94 -7.22 -8.99 1.94
N ILE A 95 -6.56 -10.12 2.17
CA ILE A 95 -7.13 -11.21 2.93
C ILE A 95 -6.27 -11.56 4.10
N LEU A 96 -5.03 -11.07 4.08
CA LEU A 96 -4.09 -11.36 5.15
C LEU A 96 -3.18 -10.17 5.49
N PHE A 97 -2.43 -10.34 6.59
CA PHE A 97 -1.45 -9.38 7.18
C PHE A 97 -2.06 -8.19 7.92
N SER A 98 -1.16 -7.38 8.51
CA SER A 98 -1.54 -6.28 9.40
C SER A 98 -0.45 -5.19 9.36
N ALA A 99 -0.77 -4.00 9.88
CA ALA A 99 0.18 -2.90 9.93
C ALA A 99 1.36 -3.27 10.83
N ALA A 100 1.08 -4.22 11.73
CA ALA A 100 1.98 -4.73 12.79
C ALA A 100 2.71 -6.05 12.44
N SER A 101 2.38 -6.66 11.30
CA SER A 101 3.06 -7.83 10.83
C SER A 101 4.52 -7.43 10.68
N THR A 102 5.44 -8.27 11.18
CA THR A 102 6.89 -8.01 11.19
C THR A 102 7.51 -7.53 9.89
N ILE A 103 7.16 -8.19 8.79
CA ILE A 103 7.72 -7.83 7.50
C ILE A 103 7.34 -6.45 7.04
N PHE A 104 6.12 -6.01 7.33
CA PHE A 104 5.69 -4.64 6.99
C PHE A 104 6.16 -3.59 7.99
N HIS A 105 6.23 -3.98 9.26
CA HIS A 105 6.82 -3.19 10.32
C HIS A 105 8.29 -2.87 10.05
N ASP A 106 9.03 -3.94 9.76
CA ASP A 106 10.44 -3.82 9.42
C ASP A 106 10.65 -3.02 8.14
N PHE A 107 9.81 -3.22 7.14
CA PHE A 107 10.02 -2.47 5.88
C PHE A 107 9.84 -0.95 6.16
N CYS A 108 8.89 -0.63 7.06
CA CYS A 108 8.40 0.72 7.25
C CYS A 108 9.42 1.47 8.14
N CYS A 109 10.03 0.75 9.08
CA CYS A 109 11.15 1.28 9.89
C CYS A 109 12.31 1.66 9.00
N GLU A 110 12.65 0.82 8.04
CA GLU A 110 13.74 1.10 7.07
C GLU A 110 13.37 2.28 6.16
N MET A 111 12.15 2.28 5.70
CA MET A 111 11.71 3.44 4.88
C MET A 111 11.73 4.77 5.62
N ALA A 112 11.29 4.79 6.88
CA ALA A 112 11.35 6.00 7.69
C ALA A 112 12.78 6.52 7.83
N VAL A 113 13.72 5.59 8.08
CA VAL A 113 15.15 5.94 8.26
C VAL A 113 15.78 6.31 6.94
N HIS A 114 15.57 5.50 5.91
CA HIS A 114 16.28 5.70 4.65
C HIS A 114 15.56 6.61 3.63
N ALA A 115 14.30 6.98 3.86
CA ALA A 115 13.67 7.94 2.94
C ALA A 115 13.36 9.25 3.68
N GLY A 116 13.60 9.26 4.98
CA GLY A 116 13.37 10.44 5.80
C GLY A 116 11.88 10.78 5.92
N VAL A 117 11.06 9.86 6.40
CA VAL A 117 9.56 10.07 6.34
C VAL A 117 8.94 9.69 7.69
N VAL A 118 7.88 10.41 8.13
CA VAL A 118 6.92 9.90 9.12
C VAL A 118 5.95 8.96 8.37
N ILE A 119 5.57 7.83 8.98
CA ILE A 119 4.66 6.86 8.29
C ILE A 119 3.46 6.62 9.16
N ALA A 120 2.28 6.75 8.54
CA ALA A 120 1.01 6.30 9.10
C ALA A 120 0.48 5.00 8.41
N SER A 121 0.73 3.85 9.01
CA SER A 121 0.40 2.59 8.38
C SER A 121 -0.96 2.06 8.83
N VAL A 122 -1.87 1.97 7.86
CA VAL A 122 -3.26 1.66 8.14
C VAL A 122 -3.56 0.16 8.23
N ASP A 123 -4.19 -0.24 9.35
CA ASP A 123 -4.64 -1.59 9.51
C ASP A 123 -6.08 -1.70 9.04
N TYR A 124 -6.29 -2.02 7.78
CA TYR A 124 -7.60 -1.95 7.16
C TYR A 124 -8.34 -3.28 7.29
N ARG A 125 -9.66 -3.30 7.07
CA ARG A 125 -10.42 -4.55 7.21
C ARG A 125 -10.11 -5.61 6.14
N LEU A 126 -10.12 -6.88 6.52
CA LEU A 126 -9.83 -7.95 5.59
C LEU A 126 -11.05 -8.71 5.03
N ALA A 127 -10.88 -9.16 3.77
CA ALA A 127 -11.66 -10.08 3.02
C ALA A 127 -11.30 -11.53 3.40
N PRO A 128 -12.25 -12.48 3.19
CA PRO A 128 -13.62 -12.35 2.68
C PRO A 128 -14.66 -11.75 3.64
N GLU A 129 -14.32 -11.54 4.91
CA GLU A 129 -15.26 -11.05 5.94
C GLU A 129 -15.75 -9.67 5.54
N HIS A 130 -14.86 -8.88 4.91
CA HIS A 130 -15.11 -7.52 4.46
C HIS A 130 -14.52 -7.39 3.06
N ARG A 131 -15.30 -7.87 2.11
CA ARG A 131 -14.95 -7.78 0.70
C ARG A 131 -14.77 -6.34 0.28
N LEU A 132 -13.95 -6.12 -0.75
CA LEU A 132 -13.83 -4.76 -1.32
C LEU A 132 -15.24 -4.33 -1.59
N PRO A 133 -15.57 -3.03 -1.40
CA PRO A 133 -14.78 -1.82 -1.11
C PRO A 133 -14.41 -1.47 0.30
N ALA A 134 -14.66 -2.35 1.26
CA ALA A 134 -14.38 -2.13 2.67
C ALA A 134 -13.06 -1.39 2.95
N ALA A 135 -11.96 -1.88 2.38
CA ALA A 135 -10.64 -1.36 2.68
C ALA A 135 -10.37 0.00 2.05
N TYR A 136 -10.91 0.27 0.87
CA TYR A 136 -10.94 1.68 0.37
C TYR A 136 -11.66 2.62 1.32
N ASP A 137 -12.80 2.15 1.87
CA ASP A 137 -13.55 2.93 2.88
C ASP A 137 -12.70 3.30 4.09
N ASP A 138 -11.94 2.34 4.64
CA ASP A 138 -11.06 2.53 5.78
C ASP A 138 -9.89 3.45 5.48
N ALA A 139 -9.37 3.38 4.26
CA ALA A 139 -8.35 4.32 3.69
C ALA A 139 -8.79 5.77 3.78
N MET A 140 -10.01 6.01 3.29
CA MET A 140 -10.69 7.35 3.41
C MET A 140 -10.99 7.83 4.80
N GLU A 141 -11.43 6.93 5.67
CA GLU A 141 -11.50 7.28 7.08
C GLU A 141 -10.12 7.61 7.64
N ALA A 142 -9.08 6.88 7.26
CA ALA A 142 -7.74 7.18 7.76
C ALA A 142 -7.34 8.59 7.33
N LEU A 143 -7.53 8.93 6.04
CA LEU A 143 -7.31 10.34 5.59
C LEU A 143 -8.15 11.39 6.36
N GLN A 144 -9.47 11.18 6.48
CA GLN A 144 -10.33 12.14 7.21
C GLN A 144 -9.87 12.29 8.67
N TRP A 145 -9.50 11.17 9.28
CA TRP A 145 -8.93 11.12 10.64
C TRP A 145 -7.53 11.75 10.80
N ILE A 146 -6.70 11.73 9.77
CA ILE A 146 -5.37 12.36 9.84
C ILE A 146 -5.52 13.87 9.78
N LYS A 147 -6.18 14.34 8.73
CA LYS A 147 -6.63 15.74 8.63
C LYS A 147 -7.07 16.29 10.01
N ASP A 148 -8.04 15.64 10.61
CA ASP A 148 -8.58 16.04 11.89
C ASP A 148 -7.67 15.81 13.10
N SER A 149 -6.54 15.11 12.92
CA SER A 149 -5.75 14.68 14.10
C SER A 149 -5.02 15.78 14.85
N ARG A 150 -4.93 15.60 16.17
CA ARG A 150 -4.12 16.46 17.03
C ARG A 150 -3.13 15.59 17.81
N ASP A 151 -2.88 14.38 17.32
CA ASP A 151 -1.77 13.55 17.86
C ASP A 151 -0.46 14.34 17.87
N GLU A 152 0.25 14.22 18.99
CA GLU A 152 1.52 14.92 19.23
C GLU A 152 2.64 14.62 18.26
N TRP A 153 2.77 13.37 17.82
CA TRP A 153 3.84 13.01 16.86
C TRP A 153 3.45 13.58 15.52
N LEU A 154 2.18 13.48 15.15
CA LEU A 154 1.75 14.08 13.89
C LEU A 154 1.95 15.57 13.97
N THR A 155 1.47 16.21 15.04
CA THR A 155 1.52 17.67 15.08
C THR A 155 2.96 18.21 15.20
N ASN A 156 3.80 17.61 16.04
CA ASN A 156 5.23 18.07 16.13
C ASN A 156 6.28 17.64 15.07
N PHE A 157 5.99 16.60 14.28
CA PHE A 157 7.06 15.96 13.52
C PHE A 157 6.78 15.67 12.03
N ALA A 158 5.54 15.91 11.59
CA ALA A 158 5.07 15.50 10.27
C ALA A 158 4.56 16.70 9.50
N ASP A 159 4.98 16.77 8.23
CA ASP A 159 4.68 17.88 7.38
C ASP A 159 3.42 17.55 6.60
N PHE A 160 2.31 18.13 7.05
CA PHE A 160 0.99 17.86 6.48
C PHE A 160 0.83 18.34 5.06
N SER A 161 1.73 19.22 4.68
CA SER A 161 1.77 19.85 3.36
C SER A 161 2.41 18.97 2.35
N ASN A 162 3.07 17.91 2.82
CA ASN A 162 3.84 17.09 1.98
C ASN A 162 3.51 15.62 2.26
N CYS A 163 2.39 15.18 1.70
CA CYS A 163 1.85 13.88 2.06
C CYS A 163 1.81 13.00 0.80
N PHE A 164 2.24 11.75 0.97
CA PHE A 164 2.20 10.76 -0.08
C PHE A 164 1.30 9.59 0.34
N ILE A 165 0.47 9.09 -0.58
CA ILE A 165 -0.28 7.82 -0.36
C ILE A 165 0.41 6.62 -1.03
N MET A 166 0.76 5.61 -0.22
CA MET A 166 1.60 4.49 -0.66
C MET A 166 1.03 3.12 -0.26
N GLY A 167 1.29 2.12 -1.09
CA GLY A 167 0.91 0.76 -0.77
C GLY A 167 1.71 -0.29 -1.53
N GLU A 168 1.89 -1.44 -0.89
CA GLU A 168 2.50 -2.59 -1.55
C GLU A 168 1.45 -3.61 -1.96
N SER A 169 1.46 -4.01 -3.22
CA SER A 169 0.61 -5.09 -3.70
C SER A 169 -0.86 -4.69 -3.64
N ALA A 170 -1.64 -5.45 -2.86
CA ALA A 170 -3.04 -5.11 -2.60
C ALA A 170 -3.16 -3.72 -1.98
N GLY A 171 -2.28 -3.43 -1.03
CA GLY A 171 -2.15 -2.06 -0.50
C GLY A 171 -1.82 -1.00 -1.52
N GLY A 172 -1.11 -1.34 -2.61
CA GLY A 172 -0.94 -0.44 -3.78
C GLY A 172 -2.25 -0.35 -4.55
N ASN A 173 -2.97 -1.48 -4.73
CA ASN A 173 -4.36 -1.39 -5.20
C ASN A 173 -5.18 -0.38 -4.38
N ILE A 174 -5.28 -0.59 -3.06
CA ILE A 174 -5.96 0.36 -2.16
C ILE A 174 -5.49 1.84 -2.27
N ALA A 175 -4.17 2.01 -2.32
CA ALA A 175 -3.55 3.36 -2.36
C ALA A 175 -3.99 4.15 -3.60
N TYR A 176 -4.16 3.40 -4.68
CA TYR A 176 -4.59 3.89 -6.00
C TYR A 176 -6.08 4.30 -5.98
N HIS A 177 -6.94 3.41 -5.49
CA HIS A 177 -8.36 3.79 -5.28
C HIS A 177 -8.57 4.91 -4.23
N ALA A 178 -7.94 4.82 -3.06
CA ALA A 178 -7.90 5.95 -2.13
C ALA A 178 -7.49 7.20 -2.86
N GLY A 179 -6.44 7.11 -3.71
CA GLY A 179 -5.94 8.31 -4.41
C GLY A 179 -6.94 8.97 -5.34
N LEU A 180 -7.62 8.17 -6.14
CA LEU A 180 -8.73 8.64 -6.96
C LEU A 180 -9.81 9.41 -6.15
N ARG A 181 -10.18 8.85 -4.99
CA ARG A 181 -11.27 9.34 -4.20
C ARG A 181 -10.89 10.57 -3.50
N ALA A 182 -9.64 10.61 -3.05
CA ALA A 182 -9.10 11.78 -2.38
C ALA A 182 -8.94 12.95 -3.36
N ALA A 183 -8.73 12.65 -4.63
CA ALA A 183 -8.52 13.71 -5.61
C ALA A 183 -9.80 14.55 -5.72
N ALA A 184 -10.93 13.84 -5.72
CA ALA A 184 -12.31 14.37 -5.75
C ALA A 184 -12.63 15.35 -4.61
N VAL A 185 -12.21 15.01 -3.42
CA VAL A 185 -12.46 15.80 -2.24
C VAL A 185 -11.24 16.58 -1.69
N ALA A 186 -10.27 16.95 -2.52
CA ALA A 186 -8.99 17.47 -2.02
C ALA A 186 -9.09 18.72 -1.14
N ASP A 187 -10.00 19.60 -1.51
CA ASP A 187 -10.30 20.81 -0.77
C ASP A 187 -10.81 20.50 0.65
N GLU A 188 -11.44 19.35 0.79
CA GLU A 188 -11.99 18.94 2.04
C GLU A 188 -10.96 18.38 3.01
N LEU A 189 -9.78 18.05 2.51
CA LEU A 189 -8.72 17.48 3.37
C LEU A 189 -7.86 18.53 4.10
N LEU A 190 -7.83 19.75 3.59
CA LEU A 190 -6.90 20.74 4.16
C LEU A 190 -7.13 20.79 5.67
N PRO A 191 -6.07 20.82 6.50
CA PRO A 191 -4.66 21.16 6.23
C PRO A 191 -3.78 20.15 5.45
N LEU A 192 -4.29 18.93 5.27
CA LEU A 192 -3.59 17.89 4.49
C LEU A 192 -3.51 18.19 2.99
N LYS A 193 -2.28 18.26 2.44
CA LYS A 193 -2.03 18.48 0.98
C LYS A 193 -1.21 17.33 0.36
N ILE A 194 -1.91 16.47 -0.39
CA ILE A 194 -1.28 15.35 -1.08
C ILE A 194 -0.44 15.82 -2.28
N LYS A 195 0.79 15.30 -2.37
CA LYS A 195 1.69 15.70 -3.46
C LYS A 195 1.96 14.51 -4.37
N GLY A 196 1.57 13.31 -3.95
CA GLY A 196 1.85 12.14 -4.79
C GLY A 196 1.38 10.80 -4.31
N LEU A 197 1.42 9.83 -5.24
CA LEU A 197 1.10 8.42 -4.95
C LEU A 197 2.32 7.56 -5.26
N VAL A 198 2.54 6.54 -4.45
CA VAL A 198 3.65 5.57 -4.65
C VAL A 198 3.04 4.18 -4.67
N LEU A 199 3.04 3.57 -5.85
CA LEU A 199 2.44 2.23 -6.06
C LEU A 199 3.54 1.18 -6.24
N ASP A 200 3.79 0.41 -5.18
CA ASP A 200 4.84 -0.60 -5.16
C ASP A 200 4.19 -1.96 -5.49
N GLU A 201 4.44 -2.38 -6.72
CA GLU A 201 3.88 -3.55 -7.36
C GLU A 201 2.43 -3.66 -7.03
N PRO A 202 1.64 -2.69 -7.54
CA PRO A 202 0.25 -2.65 -7.09
C PRO A 202 -0.45 -3.91 -7.64
N GLY A 203 -1.39 -4.48 -6.90
CA GLY A 203 -2.01 -5.73 -7.27
C GLY A 203 -3.29 -5.59 -8.11
N PHE A 204 -3.24 -6.11 -9.33
CA PHE A 204 -4.24 -5.84 -10.36
C PHE A 204 -4.62 -7.08 -11.13
N GLY A 205 -5.83 -7.14 -11.73
CA GLY A 205 -6.21 -8.34 -12.50
C GLY A 205 -7.23 -8.14 -13.61
N GLY A 206 -7.73 -9.26 -14.16
CA GLY A 206 -8.73 -9.19 -15.22
C GLY A 206 -9.06 -10.58 -15.73
N SER A 207 -10.17 -10.67 -16.48
CA SER A 207 -10.68 -11.99 -16.94
C SER A 207 -9.81 -12.64 -17.98
N LYS A 208 -9.42 -11.90 -19.03
CA LYS A 208 -8.44 -12.43 -20.00
C LYS A 208 -7.01 -12.40 -19.41
N ARG A 209 -6.25 -13.49 -19.56
CA ARG A 209 -4.86 -13.50 -19.12
C ARG A 209 -3.99 -12.57 -19.97
N THR A 210 -2.97 -11.94 -19.33
CA THR A 210 -2.00 -11.07 -19.99
C THR A 210 -0.82 -11.93 -20.29
N GLY A 211 0.18 -11.34 -20.97
CA GLY A 211 1.43 -12.07 -21.28
C GLY A 211 2.26 -12.59 -20.13
N SER A 212 2.56 -11.70 -19.18
CA SER A 212 3.16 -12.13 -17.91
C SER A 212 2.28 -13.15 -17.14
N GLU A 213 0.96 -12.92 -17.11
CA GLU A 213 0.07 -13.85 -16.37
C GLU A 213 0.24 -15.27 -16.93
N LEU A 214 0.37 -15.35 -18.27
CA LEU A 214 0.57 -16.65 -18.97
C LEU A 214 1.97 -17.18 -18.88
N ARG A 215 2.94 -16.27 -19.06
CA ARG A 215 4.36 -16.61 -18.97
C ARG A 215 4.75 -17.15 -17.62
N LEU A 216 4.16 -16.56 -16.57
CA LEU A 216 4.52 -16.83 -15.19
C LEU A 216 3.51 -17.75 -14.45
N ALA A 217 2.53 -18.29 -15.19
CA ALA A 217 1.42 -19.11 -14.66
C ALA A 217 1.76 -20.16 -13.61
N ASN A 218 2.96 -20.70 -13.67
CA ASN A 218 3.41 -21.63 -12.64
C ASN A 218 4.44 -20.99 -11.74
N ASP A 219 4.33 -19.67 -11.55
CA ASP A 219 5.18 -18.95 -10.57
C ASP A 219 5.22 -19.70 -9.26
N SER A 220 6.29 -19.59 -8.49
CA SER A 220 6.44 -20.41 -7.27
C SER A 220 5.88 -19.71 -6.02
N ARG A 221 5.47 -18.46 -6.20
CA ARG A 221 4.85 -17.66 -5.15
C ARG A 221 3.41 -17.35 -5.55
N LEU A 222 3.23 -16.64 -6.67
CA LEU A 222 1.91 -16.25 -7.21
C LEU A 222 1.38 -17.02 -8.47
N PRO A 223 1.20 -18.36 -8.35
CA PRO A 223 0.63 -19.02 -9.54
C PRO A 223 -0.79 -18.58 -9.85
N THR A 224 -1.25 -18.89 -11.06
CA THR A 224 -2.59 -18.56 -11.57
C THR A 224 -3.79 -18.83 -10.59
N PHE A 225 -3.74 -19.96 -9.88
CA PHE A 225 -4.91 -20.39 -9.13
C PHE A 225 -5.02 -19.56 -7.84
N VAL A 226 -3.85 -19.26 -7.28
CA VAL A 226 -3.69 -18.54 -6.01
C VAL A 226 -4.20 -17.10 -6.15
N LEU A 227 -4.00 -16.52 -7.34
CA LEU A 227 -4.49 -15.17 -7.69
C LEU A 227 -5.93 -15.12 -8.07
N ASP A 228 -6.38 -16.12 -8.85
CA ASP A 228 -7.81 -16.37 -9.04
C ASP A 228 -8.53 -16.42 -7.67
N LEU A 229 -8.06 -17.31 -6.78
CA LEU A 229 -8.52 -17.38 -5.41
C LEU A 229 -8.59 -16.01 -4.64
N ILE A 230 -7.48 -15.27 -4.61
CA ILE A 230 -7.40 -13.89 -4.05
C ILE A 230 -8.54 -13.02 -4.54
N TRP A 231 -8.67 -12.86 -5.84
CA TRP A 231 -9.77 -12.03 -6.40
C TRP A 231 -11.18 -12.56 -6.13
N GLU A 232 -11.29 -13.88 -5.95
CA GLU A 232 -12.55 -14.53 -5.68
C GLU A 232 -13.01 -14.16 -4.25
N LEU A 233 -12.10 -14.29 -3.29
CA LEU A 233 -12.33 -13.86 -1.92
C LEU A 233 -12.47 -12.33 -1.69
N SER A 234 -12.01 -11.52 -2.65
CA SER A 234 -11.79 -10.10 -2.40
C SER A 234 -12.88 -9.28 -3.04
N LEU A 235 -13.21 -9.67 -4.25
CA LEU A 235 -14.14 -8.97 -5.11
C LEU A 235 -15.56 -9.17 -4.56
N PRO A 236 -16.47 -8.18 -4.76
CA PRO A 236 -17.83 -8.33 -4.33
C PRO A 236 -18.35 -9.67 -4.83
N MET A 237 -19.39 -10.20 -4.16
CA MET A 237 -19.97 -11.48 -4.59
C MET A 237 -20.63 -11.37 -5.95
N GLY A 238 -20.29 -12.37 -6.79
CA GLY A 238 -20.74 -12.47 -8.19
C GLY A 238 -19.73 -11.97 -9.24
N ALA A 239 -18.81 -11.09 -8.82
CA ALA A 239 -18.07 -10.24 -9.74
C ALA A 239 -17.07 -11.04 -10.54
N ASP A 240 -16.70 -10.56 -11.73
CA ASP A 240 -15.56 -11.15 -12.43
C ASP A 240 -14.30 -10.26 -12.32
N ARG A 241 -13.21 -10.74 -12.91
CA ARG A 241 -11.93 -10.09 -12.72
C ARG A 241 -11.78 -8.78 -13.53
N ASP A 242 -12.77 -8.47 -14.38
CA ASP A 242 -12.83 -7.18 -15.08
C ASP A 242 -13.62 -6.13 -14.31
N HIS A 243 -14.03 -6.46 -13.10
CA HIS A 243 -14.59 -5.48 -12.20
C HIS A 243 -13.56 -4.36 -12.05
N GLU A 244 -14.01 -3.11 -12.06
CA GLU A 244 -13.12 -1.93 -11.98
C GLU A 244 -12.13 -1.88 -10.81
N TYR A 245 -12.47 -2.52 -9.69
CA TYR A 245 -11.59 -2.62 -8.50
C TYR A 245 -10.43 -3.55 -8.81
N CYS A 246 -10.65 -4.49 -9.72
CA CYS A 246 -9.63 -5.45 -10.17
C CYS A 246 -8.71 -4.94 -11.30
N ASN A 247 -9.36 -4.44 -12.35
CA ASN A 247 -8.77 -4.05 -13.62
C ASN A 247 -9.00 -2.59 -13.79
N PRO A 248 -7.95 -1.77 -13.59
CA PRO A 248 -8.15 -0.31 -13.75
C PRO A 248 -8.20 0.23 -15.20
N THR A 249 -7.81 -0.59 -16.19
CA THR A 249 -7.52 -0.16 -17.60
C THR A 249 -7.80 -1.22 -18.69
N PRO A 254 -12.68 5.36 -19.01
CA PRO A 254 -13.09 6.73 -18.64
C PRO A 254 -11.89 7.61 -18.19
N LEU A 255 -11.45 7.41 -16.95
CA LEU A 255 -10.21 8.03 -16.45
C LEU A 255 -10.28 9.57 -16.43
N TYR A 256 -11.49 10.11 -16.28
CA TYR A 256 -11.68 11.55 -16.08
C TYR A 256 -10.95 11.87 -14.81
N SER A 257 -10.74 10.81 -14.02
CA SER A 257 -10.08 10.87 -12.73
C SER A 257 -8.62 11.29 -12.82
N PHE A 258 -7.99 11.01 -13.96
CA PHE A 258 -6.58 11.39 -14.17
C PHE A 258 -6.44 12.88 -14.42
N ASP A 259 -7.49 13.50 -14.95
CA ASP A 259 -7.53 14.97 -15.14
C ASP A 259 -7.44 15.71 -13.84
N LYS A 260 -8.09 15.19 -12.81
CA LYS A 260 -8.06 15.82 -11.50
C LYS A 260 -6.65 15.69 -10.82
N ILE A 261 -6.04 14.52 -11.02
CA ILE A 261 -4.70 14.19 -10.51
C ILE A 261 -3.63 15.02 -11.25
N ARG A 262 -3.69 15.00 -12.59
CA ARG A 262 -2.97 15.97 -13.41
C ARG A 262 -3.12 17.40 -12.85
N SER A 263 -4.36 17.89 -12.68
CA SER A 263 -4.62 19.30 -12.30
C SER A 263 -4.09 19.70 -10.93
N LEU A 264 -4.13 18.76 -9.98
CA LEU A 264 -3.57 18.99 -8.65
C LEU A 264 -2.04 18.95 -8.61
N GLY A 265 -1.42 18.38 -9.65
CA GLY A 265 0.04 18.28 -9.78
C GLY A 265 0.70 17.12 -9.02
N TRP A 266 -0.03 16.02 -8.88
CA TRP A 266 0.43 14.83 -8.19
C TRP A 266 1.39 14.07 -9.05
N ARG A 267 2.51 13.62 -8.48
CA ARG A 267 3.41 12.69 -9.19
C ARG A 267 3.05 11.28 -8.74
N VAL A 268 3.19 10.34 -9.63
CA VAL A 268 2.84 8.99 -9.28
C VAL A 268 4.07 8.14 -9.53
N MET A 269 4.56 7.41 -8.53
CA MET A 269 5.59 6.44 -8.81
C MET A 269 4.95 5.06 -8.89
N VAL A 270 5.20 4.33 -9.96
CA VAL A 270 4.80 2.93 -10.01
C VAL A 270 6.09 2.11 -10.07
N VAL A 271 6.25 1.09 -9.25
CA VAL A 271 7.41 0.17 -9.39
C VAL A 271 7.01 -1.31 -9.46
N GLY A 272 7.77 -2.07 -10.26
CA GLY A 272 7.68 -3.51 -10.33
C GLY A 272 8.86 -4.23 -10.97
N CYS A 273 8.79 -5.55 -11.10
CA CYS A 273 9.85 -6.31 -11.69
C CYS A 273 9.30 -7.35 -12.67
N HIS A 274 10.17 -7.88 -13.54
CA HIS A 274 9.74 -8.61 -14.72
C HIS A 274 9.24 -9.97 -14.31
N GLY A 275 9.80 -10.51 -13.22
CA GLY A 275 9.38 -11.77 -12.58
C GLY A 275 8.16 -11.77 -11.61
N ASP A 276 7.26 -10.81 -11.85
CA ASP A 276 5.95 -10.66 -11.21
C ASP A 276 4.83 -10.76 -12.28
N PRO A 277 3.92 -11.78 -12.18
CA PRO A 277 2.80 -12.00 -13.12
C PRO A 277 1.95 -10.76 -13.28
N MET A 278 2.01 -9.93 -12.25
CA MET A 278 1.20 -8.75 -12.29
C MET A 278 1.85 -7.66 -13.09
N ILE A 279 3.10 -7.90 -13.53
CA ILE A 279 3.88 -6.89 -14.28
C ILE A 279 3.17 -6.12 -15.43
N ASP A 280 2.36 -6.82 -16.26
CA ASP A 280 1.84 -6.23 -17.50
C ASP A 280 0.78 -5.26 -17.17
N ARG A 281 0.08 -5.53 -16.05
CA ARG A 281 -1.00 -4.63 -15.66
C ARG A 281 -0.43 -3.45 -14.93
N GLN A 282 0.60 -3.68 -14.11
CA GLN A 282 1.31 -2.57 -13.43
C GLN A 282 1.86 -1.61 -14.51
N MET A 283 2.57 -2.17 -15.50
CA MET A 283 3.15 -1.37 -16.59
C MET A 283 2.13 -0.69 -17.48
N GLU A 284 1.01 -1.35 -17.67
CA GLU A 284 -0.06 -0.88 -18.49
C GLU A 284 -0.72 0.32 -17.85
N LEU A 285 -0.99 0.25 -16.55
CA LEU A 285 -1.43 1.43 -15.81
C LEU A 285 -0.47 2.63 -15.81
N ALA A 286 0.84 2.42 -15.64
CA ALA A 286 1.84 3.50 -15.84
C ALA A 286 1.79 4.16 -17.23
N GLU A 287 1.55 3.37 -18.27
CA GLU A 287 1.38 3.86 -19.64
C GLU A 287 0.14 4.75 -19.76
N ARG A 288 -1.00 4.24 -19.27
CA ARG A 288 -2.25 5.01 -19.24
C ARG A 288 -2.18 6.32 -18.46
N LEU A 289 -1.48 6.32 -17.33
CA LEU A 289 -1.28 7.56 -16.55
C LEU A 289 -0.45 8.58 -17.34
N GLU A 290 0.60 8.09 -17.97
CA GLU A 290 1.45 8.95 -18.81
C GLU A 290 0.75 9.50 -20.03
N LYS A 291 0.06 8.59 -20.70
CA LYS A 291 -0.63 8.81 -21.95
C LYS A 291 -1.65 9.93 -21.73
N LYS A 292 -2.22 9.96 -20.51
CA LYS A 292 -3.17 11.00 -20.05
C LYS A 292 -2.53 12.24 -19.41
N GLY A 293 -1.21 12.39 -19.51
CA GLY A 293 -0.57 13.61 -19.03
C GLY A 293 -0.16 13.70 -17.58
N VAL A 294 -0.30 12.58 -16.87
CA VAL A 294 0.19 12.52 -15.48
C VAL A 294 1.73 12.36 -15.36
N ASP A 295 2.31 13.13 -14.44
CA ASP A 295 3.73 13.02 -14.10
C ASP A 295 4.01 11.65 -13.43
N VAL A 296 4.42 10.68 -14.24
CA VAL A 296 4.73 9.31 -13.82
C VAL A 296 6.26 9.03 -13.77
N VAL A 297 6.73 8.59 -12.59
CA VAL A 297 8.09 8.06 -12.38
C VAL A 297 7.91 6.56 -12.36
N ALA A 298 8.26 5.90 -13.47
CA ALA A 298 8.14 4.45 -13.57
C ALA A 298 9.51 3.77 -13.27
N GLN A 299 9.46 2.63 -12.61
CA GLN A 299 10.69 1.91 -12.29
C GLN A 299 10.44 0.42 -12.36
N PHE A 300 10.64 -0.12 -13.56
CA PHE A 300 10.42 -1.53 -13.84
C PHE A 300 11.77 -2.21 -14.13
N ASP A 301 12.15 -3.14 -13.27
CA ASP A 301 13.40 -3.89 -13.35
C ASP A 301 13.21 -5.26 -13.99
N VAL A 302 14.32 -5.81 -14.48
CA VAL A 302 14.37 -7.19 -14.91
C VAL A 302 14.59 -8.12 -13.74
N GLY A 303 14.10 -9.35 -13.91
CA GLY A 303 14.29 -10.37 -12.89
C GLY A 303 13.53 -10.13 -11.60
N GLY A 304 14.17 -10.43 -10.48
CA GLY A 304 13.55 -10.38 -9.18
C GLY A 304 12.30 -11.23 -9.15
N TYR A 305 11.40 -10.91 -8.21
CA TYR A 305 10.10 -11.59 -8.01
C TYR A 305 9.23 -10.71 -7.13
N HIS A 306 7.98 -11.14 -6.94
CA HIS A 306 6.99 -10.34 -6.19
C HIS A 306 7.39 -10.23 -4.74
N ALA A 307 7.54 -9.00 -4.25
CA ALA A 307 7.84 -8.71 -2.82
C ALA A 307 9.29 -8.99 -2.43
N VAL A 308 10.16 -9.08 -3.43
CA VAL A 308 11.60 -9.22 -3.19
C VAL A 308 12.18 -8.13 -2.24
N LYS A 309 11.69 -6.89 -2.38
CA LYS A 309 12.02 -5.79 -1.46
C LYS A 309 11.77 -6.01 0.03
N LEU A 310 10.82 -6.89 0.34
CA LEU A 310 10.51 -7.22 1.72
C LEU A 310 11.49 -8.29 2.30
N GLU A 311 12.28 -8.93 1.43
CA GLU A 311 13.17 -9.99 1.83
C GLU A 311 14.60 -9.57 1.64
N ASP A 312 14.84 -8.75 0.62
CA ASP A 312 16.18 -8.36 0.15
C ASP A 312 16.53 -6.95 0.65
N PRO A 313 17.39 -6.84 1.71
CA PRO A 313 17.75 -5.56 2.32
C PRO A 313 18.47 -4.66 1.33
N GLU A 314 19.05 -5.28 0.31
CA GLU A 314 19.84 -4.60 -0.68
C GLU A 314 18.95 -3.96 -1.72
N LYS A 315 17.95 -4.72 -2.20
CA LYS A 315 16.99 -4.22 -3.17
C LYS A 315 16.05 -3.15 -2.53
N ALA A 316 15.72 -3.34 -1.25
CA ALA A 316 14.96 -2.33 -0.51
C ALA A 316 15.71 -0.97 -0.50
N LYS A 317 16.99 -1.02 -0.09
CA LYS A 317 17.93 0.11 -0.03
C LYS A 317 18.07 0.88 -1.34
N GLN A 318 18.07 0.16 -2.45
CA GLN A 318 18.16 0.78 -3.76
C GLN A 318 16.88 1.52 -4.06
N PHE A 319 15.77 1.01 -3.51
CA PHE A 319 14.49 1.60 -3.73
C PHE A 319 14.36 2.85 -2.82
N PHE A 320 14.83 2.80 -1.59
CA PHE A 320 14.81 4.01 -0.73
C PHE A 320 15.55 5.20 -1.29
N VAL A 321 16.71 4.94 -1.95
CA VAL A 321 17.45 6.00 -2.71
C VAL A 321 16.56 6.72 -3.76
N ILE A 322 15.83 5.95 -4.57
CA ILE A 322 14.83 6.47 -5.53
C ILE A 322 13.58 7.17 -4.86
N LEU A 323 13.03 6.58 -3.80
CA LEU A 323 11.91 7.15 -3.05
C LEU A 323 12.31 8.40 -2.30
N LYS A 324 13.48 8.40 -1.68
CA LYS A 324 14.01 9.62 -1.05
C LYS A 324 14.03 10.77 -2.06
N LYS A 325 14.60 10.52 -3.24
CA LYS A 325 14.62 11.45 -4.37
C LYS A 325 13.22 12.01 -4.69
N PHE A 326 12.29 11.09 -4.98
CA PHE A 326 10.89 11.34 -5.37
C PHE A 326 10.17 12.18 -4.35
N VAL A 327 10.46 11.93 -3.08
CA VAL A 327 9.76 12.56 -1.97
C VAL A 327 10.13 14.06 -1.81
N VAL A 328 11.29 14.49 -2.34
CA VAL A 328 11.72 15.91 -2.24
C VAL A 328 11.68 16.75 -3.57
#